data_3FH5
#
_entry.id   3FH5
#
_cell.length_a   78.401
_cell.length_b   87.007
_cell.length_c   99.847
_cell.angle_alpha   90.00
_cell.angle_beta   90.00
_cell.angle_gamma   90.00
#
_symmetry.space_group_name_H-M   'P 21 21 21'
#
loop_
_entity.id
_entity.type
_entity.pdbx_description
1 polymer 'Leukotriene A-4 hydrolase'
2 non-polymer 'ZINC ION'
3 non-polymer 'YTTERBIUM (III) ION'
4 non-polymer 'ACETATE ION'
5 non-polymer IMIDAZOLE
6 non-polymer (2R)-2-[(4-benzylphenoxy)methyl]pyrrolidine
7 non-polymer GLYCEROL
8 water water
#
_entity_poly.entity_id   1
_entity_poly.type   'polypeptide(L)'
_entity_poly.pdbx_seq_one_letter_code
;MPEIVDTCSLASPASVCRTKHLHLRCSVDFTRRTLTGTAALTVQSQEDNLRSLVLDTKDLTIEKVVINGQEVKYALGERQ
SYKGSPMEISLPIALSKNQEIVIEISFETSPKSSALQWLTPEQTSGKEHPYLFSQCQAIHCRAILPCQDTPSVKLTYTAE
VSVPKELVALMSAIRDGETPDPEDPSRKIYKFIQKVPIPCYLIALVVGALESRQIGPRTLVWSEKEQVEKSAYEFSETES
MLKIAEDLGGPYVWGQYDLLVLPPSFPYGGMENPCLTFVTPTLLAGDKSLSNVIAHEISHSWTGNLVTNKTWDHFWLNEG
HTVYLERHICGRLFGEKFRHFNALGGWGELQNSVKTFGETHPFTKLVVDLTDIDPDVAYSSVPYEKGFALLFYLEQLLGG
PEIFLGFLKAYVEKFSYKSITTDDWKDFLYSYFKDKVDVLNQVDWNAWLYSPGLPPIKPNYDMTLTNACIALSQRWITAK
EDDLNSFNATDLKDLSSHQLNEFLAQTLQRAPLPLGHIKRMQEVYNFNAINNSEIRFRWLRLCIQSKWEDAIPLALKMAT
EQGRMKFTRPLFKDLAAFDKSHDQAVRTYQEHKASMHPVTAMLVGKDLKVD
;
_entity_poly.pdbx_strand_id   A
#
loop_
_chem_comp.id
_chem_comp.type
_chem_comp.name
_chem_comp.formula
24P non-polymer (2R)-2-[(4-benzylphenoxy)methyl]pyrrolidine 'C18 H21 N O'
ACT non-polymer 'ACETATE ION' 'C2 H3 O2 -1'
GOL non-polymer GLYCEROL 'C3 H8 O3'
IMD non-polymer IMIDAZOLE 'C3 H5 N2 1'
YB non-polymer 'YTTERBIUM (III) ION' 'Yb 3'
ZN non-polymer 'ZINC ION' 'Zn 2'
#
# COMPACT_ATOMS: atom_id res chain seq x y z
N VAL A 5 8.68 21.31 5.48
CA VAL A 5 7.30 21.40 4.88
C VAL A 5 6.94 20.40 3.77
N ASP A 6 5.65 20.19 3.60
CA ASP A 6 5.13 19.09 2.80
C ASP A 6 4.69 19.61 1.43
N THR A 7 5.49 19.33 0.41
CA THR A 7 5.24 19.84 -0.95
C THR A 7 4.09 19.13 -1.68
N CYS A 8 3.47 18.16 -1.02
CA CYS A 8 2.28 17.50 -1.56
C CYS A 8 0.97 18.05 -0.99
N SER A 9 1.07 18.92 0.02
CA SER A 9 -0.12 19.46 0.67
C SER A 9 -0.22 20.96 0.45
N LEU A 10 -1.45 21.43 0.26
CA LEU A 10 -1.76 22.87 0.10
C LEU A 10 -2.24 23.48 1.41
N ALA A 11 -2.41 22.64 2.43
CA ALA A 11 -2.94 23.08 3.74
C ALA A 11 -1.91 23.84 4.58
N SER A 12 -2.40 24.55 5.59
CA SER A 12 -1.51 25.15 6.60
C SER A 12 -0.61 24.06 7.19
N PRO A 13 0.69 24.32 7.30
CA PRO A 13 1.58 23.31 7.89
C PRO A 13 1.43 23.18 9.39
N ALA A 14 2.05 22.12 9.94
CA ALA A 14 1.97 21.82 11.37
C ALA A 14 2.55 22.93 12.23
N SER A 15 3.41 23.76 11.64
CA SER A 15 4.00 24.88 12.35
C SER A 15 3.02 26.05 12.55
N VAL A 16 1.90 26.01 11.83
CA VAL A 16 0.87 27.07 11.91
C VAL A 16 -0.32 26.61 12.77
N CYS A 17 -0.83 25.42 12.47
CA CYS A 17 -1.92 24.83 13.25
C CYS A 17 -1.90 23.32 13.07
N ARG A 18 -2.51 22.61 14.02
CA ARG A 18 -2.48 21.15 14.01
C ARG A 18 -3.87 20.62 14.33
N THR A 19 -4.39 19.75 13.46
CA THR A 19 -5.63 19.03 13.74
C THR A 19 -5.36 17.98 14.82
N LYS A 20 -6.15 18.04 15.90
CA LYS A 20 -6.03 17.10 17.02
C LYS A 20 -7.06 15.98 16.94
N HIS A 21 -8.22 16.27 16.36
CA HIS A 21 -9.32 15.31 16.32
C HIS A 21 -10.25 15.59 15.15
N LEU A 22 -10.80 14.51 14.59
CA LEU A 22 -11.85 14.59 13.59
C LEU A 22 -13.06 13.86 14.09
N HIS A 23 -14.22 14.51 14.09
CA HIS A 23 -15.46 13.76 14.25
C HIS A 23 -16.23 13.82 12.93
N LEU A 24 -16.35 12.66 12.29
CA LEU A 24 -16.99 12.54 11.00
C LEU A 24 -18.40 11.98 11.17
N ARG A 25 -19.39 12.72 10.69
CA ARG A 25 -20.76 12.24 10.63
C ARG A 25 -21.14 12.24 9.16
N CYS A 26 -21.37 11.06 8.59
CA CYS A 26 -21.65 11.03 7.16
C CYS A 26 -22.63 9.93 6.77
N SER A 27 -23.15 10.06 5.56
CA SER A 27 -24.07 9.10 5.00
C SER A 27 -23.56 8.73 3.62
N VAL A 28 -23.59 7.42 3.36
CA VAL A 28 -23.11 6.83 2.11
C VAL A 28 -24.27 6.65 1.15
N ASP A 29 -24.33 7.46 0.11
CA ASP A 29 -25.45 7.41 -0.82
C ASP A 29 -25.07 6.68 -2.11
N PHE A 30 -25.46 5.41 -2.20
CA PHE A 30 -25.10 4.58 -3.35
C PHE A 30 -25.83 5.00 -4.63
N THR A 31 -27.03 5.58 -4.48
CA THR A 31 -27.76 6.06 -5.67
C THR A 31 -27.01 7.19 -6.36
N ARG A 32 -26.37 8.06 -5.59
CA ARG A 32 -25.65 9.22 -6.12
C ARG A 32 -24.13 9.03 -6.18
N ARG A 33 -23.65 7.93 -5.59
CA ARG A 33 -22.20 7.72 -5.39
C ARG A 33 -21.53 8.90 -4.70
N THR A 34 -22.15 9.35 -3.60
CA THR A 34 -21.60 10.45 -2.81
C THR A 34 -21.56 10.09 -1.34
N LEU A 35 -20.55 10.60 -0.65
CA LEU A 35 -20.53 10.63 0.79
C LEU A 35 -20.90 12.08 1.16
N THR A 36 -21.89 12.24 2.03
CA THR A 36 -22.34 13.56 2.45
C THR A 36 -22.32 13.65 3.96
N GLY A 37 -21.98 14.82 4.48
CA GLY A 37 -22.01 14.96 5.93
C GLY A 37 -21.20 16.11 6.45
N THR A 38 -20.70 15.92 7.67
CA THR A 38 -19.94 16.94 8.36
C THR A 38 -18.63 16.38 8.90
N ALA A 39 -17.57 17.16 8.69
CA ALA A 39 -16.27 16.89 9.30
C ALA A 39 -16.04 17.99 10.33
N ALA A 40 -16.04 17.61 11.60
CA ALA A 40 -15.74 18.54 12.70
C ALA A 40 -14.27 18.36 13.09
N LEU A 41 -13.44 19.35 12.72
CA LEU A 41 -12.01 19.30 13.04
C LEU A 41 -11.71 20.12 14.27
N THR A 42 -11.15 19.46 15.27
CA THR A 42 -10.61 20.17 16.44
C THR A 42 -9.20 20.60 16.09
N VAL A 43 -8.97 21.92 16.02
CA VAL A 43 -7.70 22.44 15.52
C VAL A 43 -7.00 23.27 16.60
N GLN A 44 -5.70 23.03 16.75
CA GLN A 44 -4.93 23.76 17.75
C GLN A 44 -4.01 24.77 17.05
N SER A 45 -4.15 26.05 17.38
CA SER A 45 -3.24 27.04 16.81
C SER A 45 -1.81 26.83 17.32
N GLN A 46 -0.82 27.02 16.44
CA GLN A 46 0.60 26.95 16.82
C GLN A 46 1.20 28.35 16.72
N GLU A 47 0.34 29.34 16.50
CA GLU A 47 0.78 30.71 16.28
C GLU A 47 -0.02 31.67 17.13
N ASP A 48 0.60 32.79 17.51
CA ASP A 48 -0.18 33.90 18.06
C ASP A 48 -0.99 34.58 16.97
N ASN A 49 -2.16 35.10 17.35
CA ASN A 49 -3.01 35.94 16.49
C ASN A 49 -3.38 35.25 15.17
N LEU A 50 -3.72 33.96 15.27
CA LEU A 50 -4.08 33.18 14.08
C LEU A 50 -5.49 33.51 13.62
N ARG A 51 -5.62 33.97 12.37
CA ARG A 51 -6.90 34.43 11.87
C ARG A 51 -7.50 33.68 10.68
N SER A 52 -6.72 32.79 10.09
CA SER A 52 -7.20 31.97 8.98
C SER A 52 -6.36 30.73 8.91
N LEU A 53 -6.90 29.73 8.22
CA LEU A 53 -6.10 28.55 7.94
C LEU A 53 -6.60 27.95 6.66
N VAL A 54 -5.79 27.06 6.10
CA VAL A 54 -6.07 26.47 4.81
C VAL A 54 -6.11 24.97 4.97
N LEU A 55 -7.09 24.34 4.29
CA LEU A 55 -7.19 22.88 4.27
C LEU A 55 -7.07 22.37 2.85
N ASP A 56 -6.65 21.11 2.72
CA ASP A 56 -6.68 20.41 1.43
C ASP A 56 -8.11 19.95 1.12
N THR A 57 -8.49 20.03 -0.15
CA THR A 57 -9.74 19.43 -0.67
C THR A 57 -9.48 18.92 -2.08
N LYS A 58 -10.28 17.96 -2.53
CA LYS A 58 -10.17 17.51 -3.91
C LYS A 58 -11.53 17.03 -4.37
N ASP A 59 -12.10 17.74 -5.33
CA ASP A 59 -13.43 17.43 -5.86
C ASP A 59 -14.49 17.35 -4.77
N LEU A 60 -14.39 18.22 -3.77
CA LEU A 60 -15.40 18.30 -2.72
C LEU A 60 -16.30 19.49 -2.96
N THR A 61 -17.59 19.28 -2.72
CA THR A 61 -18.58 20.36 -2.70
C THR A 61 -18.78 20.80 -1.26
N ILE A 62 -18.49 22.07 -0.98
CA ILE A 62 -18.63 22.60 0.39
C ILE A 62 -19.95 23.35 0.51
N GLU A 63 -20.75 22.97 1.50
CA GLU A 63 -22.04 23.63 1.75
C GLU A 63 -21.86 24.82 2.66
N LYS A 64 -21.16 24.61 3.77
CA LYS A 64 -20.90 25.65 4.77
C LYS A 64 -19.80 25.27 5.74
N VAL A 65 -19.30 26.29 6.43
CA VAL A 65 -18.33 26.09 7.52
C VAL A 65 -18.86 26.81 8.76
N VAL A 66 -18.98 26.07 9.85
CA VAL A 66 -19.55 26.58 11.09
C VAL A 66 -18.53 26.56 12.22
N ILE A 67 -18.39 27.71 12.88
CA ILE A 67 -17.56 27.83 14.09
C ILE A 67 -18.37 28.62 15.10
N ASN A 68 -18.37 28.16 16.35
CA ASN A 68 -19.13 28.85 17.43
C ASN A 68 -20.61 29.00 17.07
N GLY A 69 -21.15 28.01 16.36
CA GLY A 69 -22.57 27.98 16.02
C GLY A 69 -23.00 28.91 14.89
N GLN A 70 -22.05 29.55 14.21
CA GLN A 70 -22.37 30.45 13.11
C GLN A 70 -21.56 30.15 11.86
N GLU A 71 -22.15 30.43 10.70
CA GLU A 71 -21.44 30.28 9.43
C GLU A 71 -20.33 31.31 9.27
N VAL A 72 -19.19 30.86 8.75
CA VAL A 72 -18.03 31.73 8.56
C VAL A 72 -17.62 31.76 7.11
N LYS A 73 -16.82 32.74 6.75
CA LYS A 73 -16.38 32.88 5.38
C LYS A 73 -15.28 31.87 5.04
N TYR A 74 -15.38 31.32 3.84
CA TYR A 74 -14.32 30.48 3.29
C TYR A 74 -14.20 30.72 1.78
N ALA A 75 -13.07 30.30 1.22
CA ALA A 75 -12.84 30.42 -0.22
C ALA A 75 -12.08 29.19 -0.72
N LEU A 76 -12.55 28.66 -1.86
CA LEU A 76 -11.84 27.60 -2.56
C LEU A 76 -10.98 28.20 -3.66
N GLY A 77 -9.68 27.92 -3.59
CA GLY A 77 -8.74 28.35 -4.61
C GLY A 77 -8.85 27.49 -5.86
N GLU A 78 -8.15 27.89 -6.91
CA GLU A 78 -8.13 27.13 -8.16
C GLU A 78 -7.50 25.76 -7.96
N ARG A 79 -7.98 24.77 -8.70
CA ARG A 79 -7.43 23.42 -8.62
C ARG A 79 -5.98 23.40 -9.10
N GLN A 80 -5.15 22.72 -8.33
CA GLN A 80 -3.76 22.54 -8.66
C GLN A 80 -3.55 21.08 -9.00
N SER A 81 -4.10 20.67 -10.14
CA SER A 81 -3.97 19.31 -10.63
C SER A 81 -4.30 18.27 -9.55
N TYR A 82 -3.42 17.28 -9.39
CA TYR A 82 -3.64 16.14 -8.50
C TYR A 82 -3.64 16.57 -7.02
N LYS A 83 -3.14 17.78 -6.74
CA LYS A 83 -3.15 18.27 -5.36
C LYS A 83 -4.53 18.74 -4.89
N GLY A 84 -5.45 18.97 -5.84
CA GLY A 84 -6.78 19.50 -5.50
C GLY A 84 -6.80 21.01 -5.32
N SER A 85 -7.77 21.48 -4.52
CA SER A 85 -8.01 22.91 -4.37
C SER A 85 -7.88 23.29 -2.89
N PRO A 86 -7.10 24.33 -2.59
CA PRO A 86 -6.97 24.79 -1.21
C PRO A 86 -8.22 25.50 -0.73
N MET A 87 -8.57 25.27 0.54
CA MET A 87 -9.75 25.86 1.15
C MET A 87 -9.29 26.76 2.29
N GLU A 88 -9.42 28.08 2.11
CA GLU A 88 -9.06 29.03 3.16
C GLU A 88 -10.29 29.34 4.02
N ILE A 89 -10.15 29.22 5.33
CA ILE A 89 -11.25 29.45 6.26
C ILE A 89 -10.91 30.67 7.11
N SER A 90 -11.85 31.61 7.18
CA SER A 90 -11.67 32.86 7.93
C SER A 90 -12.17 32.69 9.36
N LEU A 91 -11.25 32.68 10.32
CA LEU A 91 -11.64 32.41 11.70
C LEU A 91 -12.33 33.64 12.27
N PRO A 92 -13.44 33.46 12.99
CA PRO A 92 -14.23 34.59 13.49
C PRO A 92 -13.54 35.37 14.62
N ILE A 93 -12.68 34.69 15.39
CA ILE A 93 -11.92 35.32 16.47
C ILE A 93 -10.47 34.85 16.39
N ALA A 94 -9.54 35.79 16.43
CA ALA A 94 -8.12 35.48 16.39
C ALA A 94 -7.72 34.53 17.53
N LEU A 95 -6.93 33.49 17.22
CA LEU A 95 -6.52 32.51 18.22
C LEU A 95 -5.13 32.78 18.78
N SER A 96 -4.96 32.51 20.07
CA SER A 96 -3.64 32.52 20.68
C SER A 96 -2.94 31.17 20.46
N LYS A 97 -1.63 31.14 20.67
CA LYS A 97 -0.88 29.91 20.52
C LYS A 97 -1.41 28.86 21.51
N ASN A 98 -1.61 27.64 21.00
CA ASN A 98 -2.19 26.50 21.76
C ASN A 98 -3.69 26.52 21.98
N GLN A 99 -4.36 27.58 21.56
CA GLN A 99 -5.81 27.60 21.69
C GLN A 99 -6.43 26.61 20.69
N GLU A 100 -7.46 25.90 21.14
CA GLU A 100 -8.14 24.89 20.33
C GLU A 100 -9.57 25.29 20.06
N ILE A 101 -10.01 25.10 18.81
CA ILE A 101 -11.40 25.34 18.42
C ILE A 101 -11.90 24.19 17.55
N VAL A 102 -13.20 24.14 17.36
CA VAL A 102 -13.81 23.13 16.52
C VAL A 102 -14.40 23.81 15.29
N ILE A 103 -14.03 23.31 14.12
CA ILE A 103 -14.52 23.82 12.84
C ILE A 103 -15.33 22.73 12.17
N GLU A 104 -16.63 22.96 11.97
CA GLU A 104 -17.52 21.94 11.39
C GLU A 104 -17.81 22.28 9.94
N ILE A 105 -17.37 21.41 9.02
CA ILE A 105 -17.49 21.66 7.60
C ILE A 105 -18.52 20.71 7.02
N SER A 106 -19.55 21.27 6.37
CA SER A 106 -20.55 20.44 5.68
C SER A 106 -20.08 20.27 4.25
N PHE A 107 -19.98 19.02 3.81
CA PHE A 107 -19.42 18.71 2.50
C PHE A 107 -20.11 17.51 1.85
N GLU A 108 -19.82 17.34 0.56
CA GLU A 108 -20.23 16.16 -0.19
C GLU A 108 -19.09 15.79 -1.13
N THR A 109 -18.85 14.50 -1.30
CA THR A 109 -17.83 14.05 -2.25
C THR A 109 -18.38 14.02 -3.67
N SER A 110 -17.46 13.93 -4.64
CA SER A 110 -17.81 13.69 -6.03
C SER A 110 -17.81 12.19 -6.32
N PRO A 111 -18.70 11.71 -7.22
CA PRO A 111 -18.63 10.31 -7.65
C PRO A 111 -17.25 9.95 -8.20
N LYS A 112 -16.54 10.95 -8.70
CA LYS A 112 -15.20 10.75 -9.25
C LYS A 112 -14.07 10.76 -8.23
N SER A 113 -14.41 10.86 -6.95
CA SER A 113 -13.41 10.91 -5.86
C SER A 113 -12.30 9.90 -6.09
N SER A 114 -11.07 10.40 -6.15
CA SER A 114 -9.92 9.52 -6.39
C SER A 114 -9.60 8.62 -5.19
N ALA A 115 -10.18 8.92 -4.02
CA ALA A 115 -10.03 8.10 -2.81
C ALA A 115 -10.93 6.85 -2.81
N LEU A 116 -11.96 6.85 -3.65
CA LEU A 116 -13.05 5.89 -3.55
C LEU A 116 -13.24 5.05 -4.81
N GLN A 117 -13.60 3.78 -4.62
CA GLN A 117 -14.21 3.02 -5.70
C GLN A 117 -15.59 2.56 -5.27
N TRP A 118 -16.56 2.91 -6.11
CA TRP A 118 -17.96 2.49 -5.97
C TRP A 118 -18.20 1.32 -6.91
N LEU A 119 -18.59 0.20 -6.33
CA LEU A 119 -18.83 -1.03 -7.09
C LEU A 119 -20.33 -1.32 -7.19
N THR A 120 -20.76 -1.67 -8.40
CA THR A 120 -22.13 -2.11 -8.61
C THR A 120 -22.29 -3.53 -8.06
N PRO A 121 -23.54 -3.97 -7.82
CA PRO A 121 -23.73 -5.37 -7.41
C PRO A 121 -23.03 -6.40 -8.32
N GLU A 122 -23.07 -6.21 -9.64
CA GLU A 122 -22.40 -7.13 -10.57
C GLU A 122 -20.88 -7.25 -10.30
N GLN A 123 -20.28 -6.21 -9.72
CA GLN A 123 -18.82 -6.19 -9.49
C GLN A 123 -18.42 -6.85 -8.15
N THR A 124 -19.40 -7.35 -7.40
CA THR A 124 -19.18 -7.99 -6.11
C THR A 124 -19.32 -9.52 -6.21
N SER A 125 -19.00 -10.24 -5.13
CA SER A 125 -19.18 -11.70 -5.11
C SER A 125 -20.64 -12.09 -5.06
N GLY A 126 -21.41 -11.42 -4.22
CA GLY A 126 -22.81 -11.78 -3.95
C GLY A 126 -23.82 -11.39 -5.02
N LYS A 127 -23.48 -10.38 -5.82
CA LYS A 127 -24.30 -9.91 -6.97
C LYS A 127 -25.63 -9.22 -6.62
N GLU A 128 -25.90 -9.01 -5.33
CA GLU A 128 -27.13 -8.37 -4.90
C GLU A 128 -26.93 -6.91 -4.48
N HIS A 129 -25.84 -6.67 -3.74
CA HIS A 129 -25.60 -5.40 -3.10
C HIS A 129 -24.36 -4.73 -3.68
N PRO A 130 -24.33 -3.37 -3.66
CA PRO A 130 -23.16 -2.61 -4.06
C PRO A 130 -22.10 -2.59 -2.94
N TYR A 131 -20.99 -1.91 -3.20
CA TYR A 131 -19.83 -1.96 -2.29
C TYR A 131 -19.01 -0.72 -2.49
N LEU A 132 -18.46 -0.20 -1.40
CA LEU A 132 -17.62 0.99 -1.45
C LEU A 132 -16.37 0.73 -0.66
N PHE A 133 -15.22 1.14 -1.18
CA PHE A 133 -14.00 1.13 -0.36
C PHE A 133 -13.12 2.34 -0.63
N SER A 134 -12.38 2.75 0.40
CA SER A 134 -11.46 3.87 0.29
C SER A 134 -10.00 3.43 0.21
N GLN A 135 -9.17 4.32 -0.32
CA GLN A 135 -7.72 4.12 -0.32
C GLN A 135 -7.09 5.51 -0.35
N CYS A 136 -6.82 6.04 0.82
CA CYS A 136 -6.34 7.42 0.95
C CYS A 136 -4.84 7.58 0.65
N GLN A 137 -4.04 6.55 0.90
CA GLN A 137 -2.60 6.73 0.77
C GLN A 137 -2.20 6.92 -0.70
N ALA A 138 -1.38 7.94 -1.04
CA ALA A 138 -0.76 8.92 -0.17
C ALA A 138 -1.62 10.14 0.15
N ILE A 139 -2.17 10.77 -0.89
CA ILE A 139 -2.82 12.09 -0.75
C ILE A 139 -4.24 12.15 -1.30
N HIS A 140 -5.02 11.12 -0.97
CA HIS A 140 -6.42 11.07 -1.38
C HIS A 140 -7.41 11.30 -0.25
N CYS A 141 -6.95 11.42 0.99
CA CYS A 141 -7.91 11.75 2.05
C CYS A 141 -8.66 13.06 1.75
N ARG A 142 -7.95 14.02 1.14
CA ARG A 142 -8.56 15.30 0.77
C ARG A 142 -9.71 15.13 -0.23
N ALA A 143 -9.81 13.94 -0.84
CA ALA A 143 -10.90 13.68 -1.78
C ALA A 143 -12.09 13.02 -1.08
N ILE A 144 -11.97 12.80 0.23
CA ILE A 144 -13.10 12.36 1.07
C ILE A 144 -13.61 13.47 1.96
N LEU A 145 -12.69 14.22 2.56
CA LEU A 145 -13.07 15.24 3.51
C LEU A 145 -12.00 16.33 3.59
N PRO A 146 -12.39 17.56 3.95
CA PRO A 146 -11.38 18.60 4.06
C PRO A 146 -10.46 18.36 5.26
N CYS A 147 -9.15 18.44 5.04
CA CYS A 147 -8.19 18.14 6.09
C CYS A 147 -6.82 18.72 5.77
N GLN A 148 -5.95 18.73 6.77
CA GLN A 148 -4.51 18.95 6.52
C GLN A 148 -3.96 17.62 6.04
N ASP A 149 -3.89 17.44 4.71
CA ASP A 149 -3.64 16.10 4.14
C ASP A 149 -2.15 15.86 4.01
N THR A 150 -1.53 15.68 5.16
CA THR A 150 -0.09 15.53 5.28
C THR A 150 0.17 14.60 6.46
N PRO A 151 1.15 13.68 6.33
CA PRO A 151 1.40 12.76 7.43
C PRO A 151 2.21 13.40 8.55
N SER A 152 2.52 14.69 8.40
CA SER A 152 3.20 15.45 9.45
C SER A 152 2.28 15.84 10.62
N VAL A 153 0.97 15.56 10.46
CA VAL A 153 -0.05 15.87 11.47
C VAL A 153 -0.72 14.57 11.89
N LYS A 154 -0.86 14.34 13.19
CA LYS A 154 -1.55 13.14 13.66
C LYS A 154 -2.74 13.52 14.52
N LEU A 155 -3.85 12.82 14.30
CA LEU A 155 -5.09 13.15 14.99
C LEU A 155 -5.81 11.87 15.39
N THR A 156 -6.62 11.96 16.44
CA THR A 156 -7.57 10.89 16.74
C THR A 156 -8.86 11.13 15.95
N TYR A 157 -9.73 10.12 15.88
CA TYR A 157 -11.02 10.35 15.27
C TYR A 157 -12.15 9.50 15.80
N THR A 158 -13.37 10.03 15.64
CA THR A 158 -14.59 9.29 15.91
C THR A 158 -15.46 9.45 14.67
N ALA A 159 -16.31 8.48 14.40
CA ALA A 159 -17.18 8.60 13.24
C ALA A 159 -18.51 7.90 13.46
N GLU A 160 -19.52 8.46 12.79
CA GLU A 160 -20.85 7.87 12.67
C GLU A 160 -21.18 7.83 11.19
N VAL A 161 -21.47 6.63 10.68
CA VAL A 161 -21.66 6.43 9.24
C VAL A 161 -23.02 5.76 9.01
N SER A 162 -23.89 6.44 8.26
CA SER A 162 -25.22 5.92 7.94
C SER A 162 -25.14 5.21 6.60
N VAL A 163 -25.63 3.96 6.57
CA VAL A 163 -25.55 3.11 5.37
C VAL A 163 -26.89 2.38 5.20
N PRO A 164 -27.18 1.90 3.97
CA PRO A 164 -28.35 1.04 3.82
C PRO A 164 -28.31 -0.12 4.83
N LYS A 165 -29.44 -0.45 5.43
CA LYS A 165 -29.44 -1.33 6.61
C LYS A 165 -29.00 -2.78 6.34
N GLU A 166 -29.07 -3.21 5.08
CA GLU A 166 -28.57 -4.54 4.76
C GLU A 166 -27.05 -4.59 4.63
N LEU A 167 -26.39 -3.44 4.74
CA LEU A 167 -24.92 -3.39 4.59
C LEU A 167 -24.21 -3.13 5.90
N VAL A 168 -22.89 -3.36 5.90
CA VAL A 168 -22.03 -3.16 7.07
C VAL A 168 -20.96 -2.13 6.70
N ALA A 169 -20.71 -1.21 7.62
CA ALA A 169 -19.59 -0.28 7.50
C ALA A 169 -18.49 -0.70 8.45
N LEU A 170 -17.25 -0.62 7.98
CA LEU A 170 -16.06 -0.81 8.83
C LEU A 170 -15.11 0.34 8.56
N MET A 171 -14.31 0.69 9.56
CA MET A 171 -13.32 1.76 9.43
C MET A 171 -12.01 1.34 10.09
N SER A 172 -10.98 2.18 9.92
CA SER A 172 -9.68 1.98 10.56
C SER A 172 -9.72 2.41 12.02
N ALA A 173 -10.52 1.70 12.80
CA ALA A 173 -10.91 2.12 14.15
C ALA A 173 -11.58 0.97 14.85
N ILE A 174 -11.85 1.17 16.13
CA ILE A 174 -12.59 0.19 16.92
C ILE A 174 -14.08 0.42 16.73
N ARG A 175 -14.81 -0.66 16.46
CA ARG A 175 -16.26 -0.60 16.30
C ARG A 175 -16.89 -0.18 17.62
N ASP A 176 -17.82 0.77 17.56
CA ASP A 176 -18.45 1.28 18.75
C ASP A 176 -19.97 1.22 18.64
N GLY A 177 -20.47 0.15 18.01
CA GLY A 177 -21.91 -0.12 18.00
C GLY A 177 -22.63 0.28 16.72
N GLU A 178 -23.89 -0.10 16.63
CA GLU A 178 -24.73 0.20 15.48
C GLU A 178 -26.14 0.43 15.97
N THR A 179 -26.90 1.24 15.25
CA THR A 179 -28.31 1.52 15.58
C THR A 179 -29.08 1.80 14.29
N PRO A 180 -30.43 1.60 14.30
CA PRO A 180 -31.19 2.13 13.16
C PRO A 180 -31.04 3.65 13.07
N ASP A 181 -31.03 4.19 11.84
CA ASP A 181 -30.90 5.62 11.61
C ASP A 181 -32.26 6.30 11.84
N PRO A 182 -32.33 7.21 12.83
CA PRO A 182 -33.56 7.96 13.12
C PRO A 182 -34.10 8.83 11.98
N GLU A 183 -33.20 9.28 11.09
CA GLU A 183 -33.58 10.12 9.95
C GLU A 183 -34.06 9.31 8.76
N ASP A 184 -33.85 7.99 8.80
CA ASP A 184 -34.13 7.10 7.68
C ASP A 184 -34.08 5.63 8.12
N PRO A 185 -35.25 5.02 8.41
CA PRO A 185 -35.40 3.63 8.85
C PRO A 185 -34.88 2.58 7.87
N SER A 186 -34.63 2.97 6.63
CA SER A 186 -34.06 2.04 5.65
C SER A 186 -32.54 1.92 5.89
N ARG A 187 -32.05 2.67 6.88
CA ARG A 187 -30.61 2.79 7.12
C ARG A 187 -30.16 2.40 8.54
N LYS A 188 -28.86 2.13 8.68
CA LYS A 188 -28.22 1.89 9.97
C LYS A 188 -27.09 2.87 10.14
N ILE A 189 -26.84 3.28 11.38
CA ILE A 189 -25.65 4.08 11.70
C ILE A 189 -24.64 3.20 12.44
N TYR A 190 -23.41 3.13 11.90
CA TYR A 190 -22.32 2.42 12.55
C TYR A 190 -21.37 3.45 13.14
N LYS A 191 -20.89 3.16 14.35
CA LYS A 191 -20.02 4.09 15.08
C LYS A 191 -18.60 3.53 15.25
N PHE A 192 -17.63 4.43 15.29
CA PHE A 192 -16.22 4.05 15.34
C PHE A 192 -15.41 5.01 16.18
N ILE A 193 -14.39 4.46 16.84
CA ILE A 193 -13.46 5.27 17.61
C ILE A 193 -12.01 4.86 17.36
N GLN A 194 -11.17 5.84 17.05
CA GLN A 194 -9.74 5.64 16.94
C GLN A 194 -9.04 6.54 17.95
N LYS A 195 -8.62 5.96 19.07
CA LYS A 195 -8.09 6.73 20.20
C LYS A 195 -6.57 6.96 20.12
N VAL A 196 -5.92 6.33 19.14
CA VAL A 196 -4.47 6.53 18.93
C VAL A 196 -4.30 7.54 17.79
N PRO A 197 -3.47 8.58 18.00
CA PRO A 197 -3.29 9.60 16.94
C PRO A 197 -2.66 9.03 15.69
N ILE A 198 -3.28 9.33 14.55
CA ILE A 198 -2.83 8.78 13.27
C ILE A 198 -2.73 9.88 12.22
N PRO A 199 -1.86 9.67 11.21
CA PRO A 199 -1.90 10.56 10.06
C PRO A 199 -3.17 10.27 9.25
N CYS A 200 -3.70 11.30 8.56
CA CYS A 200 -4.99 11.14 7.91
C CYS A 200 -5.00 10.11 6.78
N TYR A 201 -3.83 9.75 6.23
CA TYR A 201 -3.82 8.74 5.15
C TYR A 201 -4.30 7.39 5.66
N LEU A 202 -4.36 7.24 6.98
CA LEU A 202 -4.79 5.98 7.61
C LEU A 202 -6.29 5.94 7.93
N ILE A 203 -7.01 6.98 7.56
CA ILE A 203 -8.46 7.01 7.66
C ILE A 203 -9.02 6.17 6.53
N ALA A 204 -9.81 5.15 6.88
CA ALA A 204 -10.32 4.24 5.86
C ALA A 204 -11.75 3.83 6.15
N LEU A 205 -12.49 3.57 5.08
CA LEU A 205 -13.89 3.16 5.17
C LEU A 205 -14.21 2.11 4.10
N VAL A 206 -14.98 1.10 4.51
CA VAL A 206 -15.57 0.12 3.59
C VAL A 206 -17.04 -0.02 3.95
N VAL A 207 -17.86 -0.16 2.93
CA VAL A 207 -19.28 -0.46 3.12
C VAL A 207 -19.69 -1.55 2.15
N GLY A 208 -20.29 -2.61 2.67
CA GLY A 208 -20.68 -3.72 1.79
C GLY A 208 -21.39 -4.83 2.54
N ALA A 209 -21.73 -5.89 1.83
CA ALA A 209 -22.35 -7.06 2.43
C ALA A 209 -21.28 -7.95 3.08
N LEU A 210 -20.82 -7.54 4.26
CA LEU A 210 -19.67 -8.17 4.89
C LEU A 210 -20.05 -9.11 6.01
N GLU A 211 -19.30 -10.20 6.10
CA GLU A 211 -19.42 -11.18 7.17
C GLU A 211 -18.06 -11.37 7.83
N SER A 212 -18.04 -11.90 9.05
CA SER A 212 -16.78 -12.06 9.77
C SER A 212 -16.63 -13.45 10.37
N ARG A 213 -15.38 -13.86 10.52
CA ARG A 213 -15.06 -15.09 11.24
C ARG A 213 -13.83 -14.86 12.11
N GLN A 214 -13.89 -15.34 13.35
CA GLN A 214 -12.74 -15.21 14.25
C GLN A 214 -11.63 -16.20 13.86
N ILE A 215 -10.39 -15.71 13.79
CA ILE A 215 -9.26 -16.57 13.48
C ILE A 215 -8.13 -16.50 14.51
N GLY A 216 -8.27 -15.63 15.50
CA GLY A 216 -7.31 -15.60 16.59
C GLY A 216 -7.87 -14.76 17.73
N PRO A 217 -7.11 -14.61 18.82
CA PRO A 217 -7.63 -13.92 20.01
C PRO A 217 -7.94 -12.44 19.81
N ARG A 218 -7.32 -11.83 18.80
CA ARG A 218 -7.56 -10.42 18.53
C ARG A 218 -7.79 -10.17 17.03
N THR A 219 -8.24 -11.20 16.32
CA THR A 219 -8.41 -11.08 14.85
C THR A 219 -9.66 -11.72 14.29
N LEU A 220 -10.47 -10.90 13.63
CA LEU A 220 -11.55 -11.38 12.76
C LEU A 220 -11.11 -11.17 11.33
N VAL A 221 -11.44 -12.12 10.47
CA VAL A 221 -11.36 -11.86 9.04
C VAL A 221 -12.74 -11.45 8.51
N TRP A 222 -12.77 -10.42 7.65
CA TRP A 222 -14.01 -9.92 7.04
C TRP A 222 -13.94 -10.05 5.53
N SER A 223 -15.06 -10.45 4.93
CA SER A 223 -15.17 -10.47 3.47
C SER A 223 -16.63 -10.67 3.16
N GLU A 224 -16.96 -10.72 1.87
CA GLU A 224 -18.26 -11.25 1.50
C GLU A 224 -18.30 -12.73 1.84
N LYS A 225 -19.51 -13.24 2.07
CA LYS A 225 -19.73 -14.60 2.51
C LYS A 225 -18.94 -15.63 1.70
N GLU A 226 -18.89 -15.41 0.39
CA GLU A 226 -18.28 -16.34 -0.57
C GLU A 226 -16.79 -16.58 -0.29
N GLN A 227 -16.13 -15.60 0.34
CA GLN A 227 -14.69 -15.66 0.60
C GLN A 227 -14.30 -15.93 2.05
N VAL A 228 -15.27 -16.02 2.95
CA VAL A 228 -14.94 -16.14 4.38
C VAL A 228 -14.10 -17.39 4.75
N GLU A 229 -14.57 -18.57 4.33
CA GLU A 229 -13.88 -19.81 4.67
C GLU A 229 -12.45 -19.83 4.12
N LYS A 230 -12.31 -19.47 2.85
CA LYS A 230 -10.98 -19.53 2.24
C LYS A 230 -10.05 -18.53 2.90
N SER A 231 -10.57 -17.37 3.26
CA SER A 231 -9.75 -16.32 3.90
C SER A 231 -9.32 -16.71 5.31
N ALA A 232 -10.24 -17.33 6.06
CA ALA A 232 -9.89 -17.79 7.39
C ALA A 232 -8.71 -18.76 7.39
N TYR A 233 -8.68 -19.66 6.40
CA TYR A 233 -7.58 -20.60 6.28
C TYR A 233 -6.32 -19.91 5.80
N GLU A 234 -6.48 -19.05 4.78
CA GLU A 234 -5.31 -18.47 4.14
C GLU A 234 -4.47 -17.67 5.12
N PHE A 235 -5.15 -17.00 6.07
CA PHE A 235 -4.48 -16.05 6.94
C PHE A 235 -4.43 -16.56 8.37
N SER A 236 -4.50 -17.88 8.54
CA SER A 236 -4.53 -18.44 9.89
C SER A 236 -3.22 -18.24 10.69
N GLU A 237 -2.11 -17.90 10.01
CA GLU A 237 -0.83 -17.60 10.67
C GLU A 237 -0.79 -16.21 11.30
N THR A 238 -1.87 -15.44 11.14
CA THR A 238 -1.89 -14.03 11.62
C THR A 238 -1.48 -13.84 13.09
N GLU A 239 -2.10 -14.59 14.01
CA GLU A 239 -1.72 -14.41 15.42
C GLU A 239 -0.26 -14.76 15.71
N SER A 240 0.25 -15.81 15.10
CA SER A 240 1.66 -16.18 15.31
C SER A 240 2.57 -15.06 14.82
N MET A 241 2.19 -14.44 13.71
CA MET A 241 2.97 -13.32 13.19
C MET A 241 2.89 -12.07 14.08
N LEU A 242 1.72 -11.81 14.63
CA LEU A 242 1.54 -10.67 15.55
C LEU A 242 2.40 -10.85 16.78
N LYS A 243 2.46 -12.09 17.30
CA LYS A 243 3.26 -12.37 18.49
C LYS A 243 4.76 -12.11 18.22
N ILE A 244 5.24 -12.53 17.05
CA ILE A 244 6.65 -12.31 16.68
C ILE A 244 6.89 -10.82 16.52
N ALA A 245 5.98 -10.14 15.82
CA ALA A 245 6.11 -8.70 15.60
C ALA A 245 6.17 -7.91 16.91
N GLU A 246 5.36 -8.31 17.90
CA GLU A 246 5.40 -7.69 19.22
C GLU A 246 6.74 -7.90 19.90
N ASP A 247 7.32 -9.08 19.69
CA ASP A 247 8.63 -9.38 20.23
C ASP A 247 9.67 -8.45 19.63
N LEU A 248 9.55 -8.18 18.34
CA LEU A 248 10.52 -7.34 17.64
C LEU A 248 10.27 -5.84 17.82
N GLY A 249 9.01 -5.43 17.85
CA GLY A 249 8.67 -4.02 17.81
C GLY A 249 8.24 -3.38 19.12
N GLY A 250 7.86 -4.20 20.09
CA GLY A 250 7.29 -3.72 21.33
C GLY A 250 5.78 -3.90 21.31
N PRO A 251 5.08 -3.42 22.35
CA PRO A 251 3.63 -3.60 22.45
C PRO A 251 2.84 -3.22 21.20
N TYR A 252 1.88 -4.07 20.87
CA TYR A 252 0.87 -3.77 19.86
C TYR A 252 -0.16 -2.87 20.54
N VAL A 253 -0.29 -1.62 20.07
CA VAL A 253 -1.11 -0.63 20.79
C VAL A 253 -2.54 -0.43 20.27
N TRP A 254 -2.92 -1.14 19.21
CA TRP A 254 -4.12 -0.81 18.45
C TRP A 254 -5.35 -1.61 18.83
N GLY A 255 -5.22 -2.46 19.84
CA GLY A 255 -6.34 -3.27 20.31
C GLY A 255 -6.49 -4.49 19.43
N GLN A 256 -7.33 -4.38 18.42
CA GLN A 256 -7.57 -5.52 17.55
C GLN A 256 -6.67 -5.44 16.34
N TYR A 257 -6.48 -6.60 15.70
CA TYR A 257 -5.89 -6.66 14.39
C TYR A 257 -6.83 -7.47 13.50
N ASP A 258 -7.78 -6.80 12.87
CA ASP A 258 -8.70 -7.48 11.95
C ASP A 258 -8.16 -7.41 10.52
N LEU A 259 -8.65 -8.32 9.68
CA LEU A 259 -8.29 -8.33 8.24
C LEU A 259 -9.54 -8.21 7.42
N LEU A 260 -9.47 -7.42 6.35
CA LEU A 260 -10.57 -7.30 5.41
C LEU A 260 -10.07 -7.73 4.05
N VAL A 261 -10.70 -8.74 3.46
CA VAL A 261 -10.37 -9.16 2.09
C VAL A 261 -11.32 -8.45 1.11
N LEU A 262 -10.75 -7.52 0.34
CA LEU A 262 -11.51 -6.66 -0.59
C LEU A 262 -11.92 -7.37 -1.88
N PRO A 263 -12.79 -6.71 -2.69
CA PRO A 263 -13.06 -7.28 -4.02
C PRO A 263 -11.80 -7.16 -4.89
N PRO A 264 -11.81 -7.83 -6.06
CA PRO A 264 -10.58 -8.00 -6.82
C PRO A 264 -9.96 -6.72 -7.36
N SER A 265 -10.74 -5.63 -7.43
CA SER A 265 -10.21 -4.39 -7.98
C SER A 265 -9.41 -3.58 -6.95
N PHE A 266 -9.28 -4.07 -5.73
CA PHE A 266 -8.45 -3.36 -4.76
C PHE A 266 -7.06 -3.15 -5.37
N PRO A 267 -6.58 -1.90 -5.40
CA PRO A 267 -5.42 -1.60 -6.26
C PRO A 267 -4.02 -2.03 -5.77
N TYR A 268 -3.93 -2.49 -4.53
CA TYR A 268 -2.64 -2.86 -3.94
C TYR A 268 -2.72 -4.21 -3.21
N GLY A 269 -1.56 -4.78 -2.86
CA GLY A 269 -1.53 -6.04 -2.13
C GLY A 269 -2.16 -5.88 -0.75
N GLY A 270 -1.85 -4.76 -0.11
CA GLY A 270 -2.38 -4.51 1.22
C GLY A 270 -2.28 -3.06 1.60
N MET A 271 -3.08 -2.66 2.58
CA MET A 271 -3.00 -1.33 3.17
C MET A 271 -3.17 -1.51 4.66
N GLU A 272 -2.20 -0.99 5.41
CA GLU A 272 -2.05 -1.18 6.85
C GLU A 272 -3.00 -0.31 7.69
N ASN A 273 -4.28 -0.26 7.32
CA ASN A 273 -5.21 0.58 8.06
C ASN A 273 -5.29 0.14 9.51
N PRO A 274 -5.15 1.09 10.47
CA PRO A 274 -5.07 0.67 11.87
C PRO A 274 -6.35 -0.04 12.32
N CYS A 275 -6.20 -1.16 13.01
CA CYS A 275 -7.31 -2.02 13.50
C CYS A 275 -7.91 -2.91 12.44
N LEU A 276 -7.65 -2.62 11.16
CA LEU A 276 -8.31 -3.31 10.04
C LEU A 276 -7.46 -3.27 8.78
N THR A 277 -6.53 -4.19 8.68
CA THR A 277 -5.71 -4.27 7.44
C THR A 277 -6.60 -4.64 6.26
N PHE A 278 -6.38 -3.96 5.13
CA PHE A 278 -7.08 -4.28 3.88
C PHE A 278 -6.13 -5.14 3.03
N VAL A 279 -6.64 -6.23 2.45
CA VAL A 279 -5.82 -7.03 1.52
C VAL A 279 -6.54 -7.39 0.21
N THR A 280 -5.72 -7.61 -0.82
CA THR A 280 -6.19 -8.13 -2.10
C THR A 280 -6.62 -9.60 -2.02
N PRO A 281 -7.72 -9.96 -2.72
CA PRO A 281 -8.06 -11.39 -2.76
C PRO A 281 -7.10 -12.20 -3.61
N THR A 282 -6.18 -11.53 -4.30
CA THR A 282 -5.15 -12.25 -5.04
C THR A 282 -4.18 -12.96 -4.08
N LEU A 283 -4.29 -12.71 -2.77
CA LEU A 283 -3.51 -13.49 -1.80
C LEU A 283 -4.07 -14.89 -1.56
N LEU A 284 -5.29 -15.15 -2.04
CA LEU A 284 -5.98 -16.42 -1.72
C LEU A 284 -5.47 -17.57 -2.59
N ALA A 285 -4.24 -17.98 -2.33
CA ALA A 285 -3.55 -18.99 -3.12
C ALA A 285 -3.98 -20.40 -2.76
N GLY A 286 -4.60 -20.56 -1.59
CA GLY A 286 -5.03 -21.86 -1.10
C GLY A 286 -4.05 -22.57 -0.19
N ASP A 287 -2.82 -22.05 -0.09
CA ASP A 287 -1.74 -22.71 0.65
C ASP A 287 -0.94 -21.82 1.61
N LYS A 288 -1.44 -20.60 1.85
CA LYS A 288 -0.82 -19.60 2.73
C LYS A 288 0.53 -19.09 2.21
N SER A 289 0.84 -19.38 0.94
CA SER A 289 2.17 -19.05 0.41
C SER A 289 2.44 -17.56 0.21
N LEU A 290 1.39 -16.75 0.21
CA LEU A 290 1.59 -15.31 0.02
C LEU A 290 1.42 -14.54 1.33
N SER A 291 1.62 -15.25 2.44
CA SER A 291 1.43 -14.65 3.76
C SER A 291 2.45 -13.58 4.15
N ASN A 292 3.53 -13.42 3.37
CA ASN A 292 4.46 -12.35 3.69
C ASN A 292 3.77 -10.99 3.61
N VAL A 293 2.70 -10.90 2.81
CA VAL A 293 1.96 -9.61 2.69
C VAL A 293 1.29 -9.30 4.03
N ILE A 294 0.78 -10.35 4.69
CA ILE A 294 0.20 -10.17 6.02
C ILE A 294 1.30 -9.77 7.02
N ALA A 295 2.45 -10.42 6.94
CA ALA A 295 3.57 -10.04 7.79
C ALA A 295 3.96 -8.57 7.60
N HIS A 296 3.93 -8.11 6.35
CA HIS A 296 4.25 -6.73 6.02
C HIS A 296 3.21 -5.79 6.64
N GLU A 297 1.93 -6.09 6.44
CA GLU A 297 0.89 -5.21 6.98
C GLU A 297 0.93 -5.16 8.50
N ILE A 298 1.15 -6.32 9.12
CA ILE A 298 1.31 -6.37 10.58
C ILE A 298 2.45 -5.46 11.04
N SER A 299 3.58 -5.55 10.35
CA SER A 299 4.77 -4.77 10.71
C SER A 299 4.53 -3.26 10.70
N HIS A 300 3.68 -2.79 9.78
CA HIS A 300 3.31 -1.38 9.71
C HIS A 300 2.68 -0.84 11.01
N SER A 301 2.16 -1.75 11.84
CA SER A 301 1.57 -1.36 13.13
C SER A 301 2.61 -0.68 14.04
N TRP A 302 3.88 -0.84 13.69
CA TRP A 302 4.99 -0.13 14.33
C TRP A 302 5.62 0.84 13.35
N THR A 303 6.16 0.30 12.27
CA THR A 303 6.89 1.13 11.32
C THR A 303 5.96 1.67 10.24
N GLY A 304 5.47 2.88 10.45
CA GLY A 304 4.51 3.50 9.55
C GLY A 304 3.37 4.11 10.35
N ASN A 305 2.71 3.28 11.15
CA ASN A 305 1.52 3.74 11.86
C ASN A 305 1.84 4.37 13.20
N LEU A 306 2.94 3.92 13.83
CA LEU A 306 3.41 4.51 15.09
C LEU A 306 4.51 5.52 14.82
N VAL A 307 5.56 5.06 14.16
CA VAL A 307 6.60 5.97 13.65
C VAL A 307 6.25 6.23 12.20
N THR A 308 6.07 7.51 11.84
CA THR A 308 5.48 7.88 10.54
C THR A 308 6.38 8.80 9.75
N ASN A 309 6.45 8.62 8.43
CA ASN A 309 7.17 9.58 7.59
C ASN A 309 6.57 11.00 7.68
N LYS A 310 7.43 12.01 7.88
CA LYS A 310 6.95 13.38 8.05
C LYS A 310 6.38 13.95 6.76
N THR A 311 7.00 13.59 5.64
CA THR A 311 6.46 13.93 4.31
C THR A 311 6.69 12.70 3.44
N TRP A 312 6.07 12.71 2.26
CA TRP A 312 6.20 11.57 1.36
C TRP A 312 7.59 11.43 0.73
N ASP A 313 8.40 12.48 0.79
CA ASP A 313 9.80 12.35 0.37
C ASP A 313 10.54 11.28 1.17
N HIS A 314 10.06 11.01 2.40
CA HIS A 314 10.71 10.09 3.34
C HIS A 314 9.95 8.77 3.50
N PHE A 315 9.11 8.46 2.50
CA PHE A 315 8.33 7.21 2.44
C PHE A 315 9.16 5.96 2.66
N TRP A 316 10.42 5.96 2.23
CA TRP A 316 11.30 4.80 2.50
C TRP A 316 11.40 4.44 3.98
N LEU A 317 11.25 5.42 4.87
CA LEU A 317 11.30 5.10 6.30
C LEU A 317 10.19 4.13 6.65
N ASN A 318 9.00 4.39 6.14
CA ASN A 318 7.87 3.49 6.36
C ASN A 318 8.19 2.15 5.75
N GLU A 319 8.55 2.14 4.48
CA GLU A 319 8.63 0.85 3.77
C GLU A 319 9.86 0.02 4.01
N GLY A 320 11.02 0.65 4.03
CA GLY A 320 12.28 -0.08 4.25
C GLY A 320 12.25 -0.81 5.58
N HIS A 321 11.83 -0.12 6.64
CA HIS A 321 11.79 -0.75 7.96
C HIS A 321 10.71 -1.83 8.05
N THR A 322 9.62 -1.62 7.32
CA THR A 322 8.52 -2.60 7.36
C THR A 322 8.95 -3.87 6.63
N VAL A 323 9.60 -3.71 5.47
CA VAL A 323 10.11 -4.88 4.75
C VAL A 323 11.16 -5.61 5.61
N TYR A 324 12.00 -4.84 6.30
CA TYR A 324 12.98 -5.43 7.20
C TYR A 324 12.31 -6.28 8.30
N LEU A 325 11.29 -5.72 8.94
CA LEU A 325 10.56 -6.48 9.96
C LEU A 325 9.81 -7.67 9.36
N GLU A 326 9.16 -7.45 8.22
CA GLU A 326 8.46 -8.51 7.46
C GLU A 326 9.37 -9.72 7.26
N ARG A 327 10.58 -9.47 6.77
CA ARG A 327 11.49 -10.55 6.46
C ARG A 327 12.02 -11.24 7.72
N HIS A 328 12.09 -10.51 8.84
CA HIS A 328 12.42 -11.14 10.13
C HIS A 328 11.28 -12.04 10.63
N ILE A 329 10.04 -11.63 10.42
CA ILE A 329 8.90 -12.45 10.83
C ILE A 329 8.94 -13.75 10.05
N CYS A 330 9.10 -13.64 8.75
CA CYS A 330 9.15 -14.82 7.90
C CYS A 330 10.40 -15.67 8.20
N GLY A 331 11.51 -15.03 8.58
CA GLY A 331 12.72 -15.75 9.00
C GLY A 331 12.50 -16.55 10.29
N ARG A 332 11.75 -15.97 11.21
CA ARG A 332 11.45 -16.65 12.48
C ARG A 332 10.57 -17.86 12.25
N LEU A 333 9.58 -17.70 11.37
CA LEU A 333 8.65 -18.78 11.07
C LEU A 333 9.25 -19.90 10.25
N PHE A 334 10.09 -19.54 9.27
CA PHE A 334 10.55 -20.49 8.25
C PHE A 334 12.06 -20.65 8.12
N GLY A 335 12.80 -19.88 8.90
CA GLY A 335 14.24 -20.07 8.99
C GLY A 335 15.04 -18.95 8.35
N GLU A 336 16.28 -18.78 8.82
CA GLU A 336 17.17 -17.71 8.33
C GLU A 336 17.55 -17.86 6.85
N LYS A 337 17.70 -19.09 6.36
CA LYS A 337 17.93 -19.30 4.93
C LYS A 337 16.77 -18.74 4.08
N PHE A 338 15.55 -18.84 4.59
CA PHE A 338 14.37 -18.29 3.90
C PHE A 338 14.41 -16.76 3.92
N ARG A 339 14.79 -16.17 5.05
CA ARG A 339 14.94 -14.71 5.11
C ARG A 339 15.92 -14.24 4.03
N HIS A 340 17.04 -14.95 3.89
CA HIS A 340 18.02 -14.57 2.88
C HIS A 340 17.50 -14.75 1.47
N PHE A 341 16.75 -15.83 1.26
CA PHE A 341 16.12 -16.08 -0.05
C PHE A 341 15.22 -14.90 -0.44
N ASN A 342 14.42 -14.44 0.51
CA ASN A 342 13.50 -13.34 0.26
C ASN A 342 14.23 -12.03 0.09
N ALA A 343 15.28 -11.84 0.89
CA ALA A 343 16.10 -10.64 0.77
C ALA A 343 16.74 -10.57 -0.62
N LEU A 344 17.28 -11.69 -1.08
CA LEU A 344 17.94 -11.71 -2.37
C LEU A 344 16.93 -11.50 -3.52
N GLY A 345 15.74 -12.09 -3.41
CA GLY A 345 14.65 -11.83 -4.36
C GLY A 345 14.30 -10.35 -4.45
N GLY A 346 14.30 -9.71 -3.29
CA GLY A 346 14.03 -8.29 -3.20
C GLY A 346 15.04 -7.45 -3.97
N TRP A 347 16.32 -7.81 -3.87
CA TRP A 347 17.36 -7.14 -4.65
C TRP A 347 17.06 -7.29 -6.15
N GLY A 348 16.60 -8.47 -6.55
CA GLY A 348 16.19 -8.70 -7.94
C GLY A 348 15.07 -7.77 -8.38
N GLU A 349 14.09 -7.56 -7.50
CA GLU A 349 13.01 -6.63 -7.82
C GLU A 349 13.53 -5.20 -7.93
N LEU A 350 14.52 -4.86 -7.11
CA LEU A 350 15.13 -3.53 -7.17
C LEU A 350 15.83 -3.35 -8.51
N GLN A 351 16.54 -4.39 -8.94
CA GLN A 351 17.21 -4.39 -10.25
C GLN A 351 16.19 -4.10 -11.35
N ASN A 352 15.06 -4.79 -11.30
CA ASN A 352 14.00 -4.60 -12.28
C ASN A 352 13.50 -3.15 -12.28
N SER A 353 13.24 -2.61 -11.09
CA SER A 353 12.69 -1.25 -10.95
C SER A 353 13.65 -0.20 -11.51
N VAL A 354 14.93 -0.36 -11.19
CA VAL A 354 15.95 0.58 -11.64
C VAL A 354 16.07 0.50 -13.16
N LYS A 355 16.02 -0.71 -13.70
CA LYS A 355 16.11 -0.89 -15.15
C LYS A 355 14.91 -0.26 -15.86
N THR A 356 13.71 -0.43 -15.30
CA THR A 356 12.48 0.16 -15.83
C THR A 356 12.52 1.69 -15.87
N PHE A 357 12.90 2.32 -14.76
CA PHE A 357 12.94 3.78 -14.69
C PHE A 357 14.17 4.33 -15.41
N GLY A 358 15.26 3.57 -15.37
CA GLY A 358 16.56 4.04 -15.84
C GLY A 358 17.42 4.40 -14.64
N GLU A 359 18.72 4.09 -14.76
CA GLU A 359 19.66 4.16 -13.64
C GLU A 359 19.94 5.57 -13.11
N THR A 360 19.57 6.60 -13.86
CA THR A 360 19.75 7.97 -13.42
C THR A 360 18.41 8.64 -13.06
N HIS A 361 17.32 7.88 -13.08
CA HIS A 361 16.00 8.48 -12.90
C HIS A 361 15.81 8.92 -11.44
N PRO A 362 15.27 10.13 -11.21
CA PRO A 362 15.05 10.61 -9.85
C PRO A 362 14.16 9.73 -8.95
N PHE A 363 13.28 8.91 -9.55
CA PHE A 363 12.41 8.01 -8.76
C PHE A 363 13.18 6.77 -8.24
N THR A 364 14.44 6.63 -8.63
CA THR A 364 15.30 5.55 -8.11
C THR A 364 16.18 5.99 -6.92
N LYS A 365 16.09 7.28 -6.54
CA LYS A 365 16.71 7.74 -5.31
C LYS A 365 15.92 7.19 -4.13
N LEU A 366 16.60 7.00 -3.00
CA LEU A 366 15.91 6.52 -1.79
C LEU A 366 15.06 7.63 -1.16
N VAL A 367 15.67 8.79 -0.97
CA VAL A 367 14.92 9.99 -0.57
C VAL A 367 14.58 10.74 -1.84
N VAL A 368 13.29 10.92 -2.08
CA VAL A 368 12.83 11.56 -3.32
C VAL A 368 12.42 13.00 -3.12
N ASP A 369 12.17 13.69 -4.23
CA ASP A 369 11.68 15.05 -4.15
C ASP A 369 10.40 15.07 -4.96
N LEU A 370 9.26 15.07 -4.28
CA LEU A 370 7.97 15.01 -4.95
C LEU A 370 7.36 16.37 -5.31
N THR A 371 8.18 17.42 -5.27
CA THR A 371 7.75 18.73 -5.77
C THR A 371 7.22 18.57 -7.19
N ASP A 372 5.95 18.94 -7.36
CA ASP A 372 5.24 18.86 -8.64
C ASP A 372 5.23 17.46 -9.28
N ILE A 373 5.30 16.42 -8.45
CA ILE A 373 5.16 15.02 -8.90
C ILE A 373 3.93 14.44 -8.22
N ASP A 374 3.03 13.83 -8.98
CA ASP A 374 1.91 13.04 -8.41
C ASP A 374 2.51 11.83 -7.67
N PRO A 375 2.27 11.70 -6.35
CA PRO A 375 2.83 10.55 -5.61
C PRO A 375 2.52 9.20 -6.28
N ASP A 376 1.33 9.06 -6.87
CA ASP A 376 0.93 7.80 -7.48
C ASP A 376 1.77 7.42 -8.70
N VAL A 377 2.40 8.41 -9.32
CA VAL A 377 3.22 8.21 -10.50
C VAL A 377 4.64 7.80 -10.11
N ALA A 378 5.07 8.28 -8.95
CA ALA A 378 6.38 7.95 -8.41
C ALA A 378 6.41 6.56 -7.76
N TYR A 379 5.25 6.05 -7.34
CA TYR A 379 5.19 4.80 -6.57
C TYR A 379 5.86 3.62 -7.28
N SER A 380 6.70 2.89 -6.55
CA SER A 380 7.41 1.72 -7.09
C SER A 380 8.01 0.90 -5.97
N SER A 381 8.72 -0.16 -6.34
CA SER A 381 9.45 -1.02 -5.38
C SER A 381 10.69 -0.37 -4.78
N VAL A 382 11.12 0.78 -5.31
CA VAL A 382 12.34 1.40 -4.86
C VAL A 382 12.38 1.71 -3.35
N PRO A 383 11.38 2.42 -2.82
CA PRO A 383 11.49 2.71 -1.38
C PRO A 383 11.48 1.44 -0.53
N TYR A 384 10.79 0.42 -1.01
CA TYR A 384 10.71 -0.86 -0.31
C TYR A 384 12.07 -1.56 -0.31
N GLU A 385 12.65 -1.73 -1.50
CA GLU A 385 13.79 -2.60 -1.67
C GLU A 385 15.11 -1.89 -1.57
N LYS A 386 15.19 -0.63 -2.00
CA LYS A 386 16.42 0.11 -1.74
C LYS A 386 16.49 0.41 -0.24
N GLY A 387 15.34 0.70 0.37
CA GLY A 387 15.28 0.90 1.83
C GLY A 387 15.65 -0.36 2.60
N PHE A 388 15.07 -1.50 2.21
CA PHE A 388 15.45 -2.76 2.83
C PHE A 388 16.96 -3.01 2.66
N ALA A 389 17.47 -2.83 1.44
CA ALA A 389 18.89 -3.11 1.18
C ALA A 389 19.81 -2.29 2.07
N LEU A 390 19.47 -1.02 2.30
CA LEU A 390 20.25 -0.20 3.22
C LEU A 390 20.27 -0.78 4.63
N LEU A 391 19.10 -1.16 5.12
CA LEU A 391 19.00 -1.71 6.47
C LEU A 391 19.73 -3.03 6.60
N PHE A 392 19.64 -3.88 5.58
CA PHE A 392 20.32 -5.17 5.55
C PHE A 392 21.84 -4.99 5.50
N TYR A 393 22.31 -4.03 4.70
CA TYR A 393 23.73 -3.67 4.66
C TYR A 393 24.22 -3.18 6.03
N LEU A 394 23.44 -2.30 6.66
CA LEU A 394 23.76 -1.82 8.01
C LEU A 394 23.76 -2.94 9.05
N GLU A 395 22.79 -3.86 8.96
CA GLU A 395 22.79 -5.04 9.83
C GLU A 395 24.12 -5.78 9.74
N GLN A 396 24.60 -5.98 8.52
CA GLN A 396 25.83 -6.74 8.28
C GLN A 396 27.06 -5.97 8.74
N LEU A 397 27.04 -4.66 8.55
CA LEU A 397 28.11 -3.78 9.01
C LEU A 397 28.24 -3.69 10.53
N LEU A 398 27.09 -3.69 11.20
CA LEU A 398 27.03 -3.37 12.63
C LEU A 398 27.03 -4.59 13.56
N GLY A 399 27.18 -5.79 13.01
CA GLY A 399 27.34 -6.97 13.87
C GLY A 399 26.23 -8.00 13.87
N GLY A 400 25.26 -7.84 12.97
CA GLY A 400 24.29 -8.89 12.71
C GLY A 400 22.87 -8.58 13.12
N PRO A 401 21.95 -9.53 12.87
CA PRO A 401 20.52 -9.28 13.07
C PRO A 401 20.09 -9.05 14.52
N GLU A 402 20.67 -9.76 15.49
CA GLU A 402 20.31 -9.54 16.90
C GLU A 402 20.60 -8.10 17.32
N ILE A 403 21.79 -7.62 16.98
CA ILE A 403 22.20 -6.25 17.26
C ILE A 403 21.30 -5.24 16.54
N PHE A 404 21.07 -5.45 15.25
CA PHE A 404 20.29 -4.49 14.49
C PHE A 404 18.82 -4.45 14.92
N LEU A 405 18.28 -5.59 15.30
CA LEU A 405 16.91 -5.61 15.85
C LEU A 405 16.80 -4.84 17.16
N GLY A 406 17.89 -4.80 17.92
CA GLY A 406 17.95 -3.94 19.11
C GLY A 406 17.76 -2.48 18.74
N PHE A 407 18.41 -2.05 17.66
CA PHE A 407 18.22 -0.70 17.13
C PHE A 407 16.78 -0.47 16.71
N LEU A 408 16.22 -1.42 15.95
CA LEU A 408 14.86 -1.27 15.44
C LEU A 408 13.86 -1.04 16.57
N LYS A 409 13.97 -1.82 17.63
CA LYS A 409 13.06 -1.70 18.75
C LYS A 409 13.22 -0.34 19.43
N ALA A 410 14.47 0.07 19.63
CA ALA A 410 14.76 1.37 20.23
C ALA A 410 14.27 2.53 19.38
N TYR A 411 14.39 2.38 18.06
CA TYR A 411 13.91 3.37 17.08
C TYR A 411 12.40 3.55 17.16
N VAL A 412 11.68 2.42 17.21
CA VAL A 412 10.23 2.47 17.30
C VAL A 412 9.83 3.15 18.61
N GLU A 413 10.52 2.81 19.70
CA GLU A 413 10.14 3.38 20.98
C GLU A 413 10.42 4.91 20.99
N LYS A 414 11.54 5.31 20.40
CA LYS A 414 11.98 6.70 20.40
C LYS A 414 11.00 7.61 19.66
N PHE A 415 10.48 7.12 18.54
CA PHE A 415 9.70 7.96 17.64
C PHE A 415 8.21 7.59 17.56
N SER A 416 7.76 6.77 18.50
CA SER A 416 6.36 6.39 18.58
C SER A 416 5.46 7.62 18.70
N TYR A 417 4.37 7.62 17.92
CA TYR A 417 3.40 8.73 17.87
C TYR A 417 3.96 9.99 17.22
N LYS A 418 5.09 9.86 16.53
CA LYS A 418 5.71 11.02 15.88
C LYS A 418 5.83 10.83 14.37
N SER A 419 6.14 11.94 13.70
CA SER A 419 6.42 11.97 12.27
C SER A 419 7.84 12.50 12.08
N ILE A 420 8.63 11.80 11.26
CA ILE A 420 10.08 12.04 11.23
C ILE A 420 10.64 12.03 9.83
N THR A 421 11.84 12.59 9.72
CA THR A 421 12.56 12.64 8.46
C THR A 421 13.72 11.66 8.44
N THR A 422 14.34 11.53 7.27
CA THR A 422 15.53 10.72 7.11
C THR A 422 16.63 11.18 8.04
N ASP A 423 16.79 12.50 8.19
CA ASP A 423 17.80 13.03 9.11
C ASP A 423 17.52 12.65 10.56
N ASP A 424 16.25 12.63 10.97
CA ASP A 424 15.91 12.17 12.31
C ASP A 424 16.32 10.72 12.52
N TRP A 425 16.03 9.87 11.54
CA TRP A 425 16.44 8.47 11.57
C TRP A 425 17.96 8.33 11.66
N LYS A 426 18.68 9.05 10.80
CA LYS A 426 20.15 8.93 10.76
C LYS A 426 20.80 9.41 12.06
N ASP A 427 20.27 10.50 12.60
CA ASP A 427 20.74 11.05 13.88
C ASP A 427 20.60 10.03 15.00
N PHE A 428 19.44 9.35 15.04
CA PHE A 428 19.23 8.32 16.05
C PHE A 428 20.09 7.08 15.84
N LEU A 429 20.29 6.67 14.59
CA LEU A 429 21.18 5.56 14.25
C LEU A 429 22.58 5.81 14.82
N TYR A 430 23.08 7.02 14.56
CA TYR A 430 24.38 7.47 15.08
C TYR A 430 24.43 7.53 16.60
N SER A 431 23.31 7.91 17.22
CA SER A 431 23.23 7.96 18.69
C SER A 431 23.28 6.56 19.28
N TYR A 432 22.41 5.68 18.75
CA TYR A 432 22.31 4.30 19.22
C TYR A 432 23.64 3.55 19.07
N PHE A 433 24.27 3.73 17.91
CA PHE A 433 25.51 3.03 17.58
C PHE A 433 26.74 3.92 17.76
N LYS A 434 26.74 4.77 18.79
CA LYS A 434 27.86 5.71 18.97
C LYS A 434 29.23 5.00 19.12
N ASP A 435 29.23 3.80 19.69
CA ASP A 435 30.48 3.04 19.81
C ASP A 435 30.89 2.36 18.51
N LYS A 436 30.08 2.53 17.46
CA LYS A 436 30.41 2.02 16.13
C LYS A 436 30.41 3.11 15.06
N VAL A 437 30.62 4.36 15.47
CA VAL A 437 30.59 5.49 14.52
C VAL A 437 31.64 5.35 13.39
N ASP A 438 32.79 4.75 13.70
CA ASP A 438 33.81 4.51 12.67
C ASP A 438 33.28 3.66 11.50
N VAL A 439 32.51 2.64 11.84
CA VAL A 439 31.87 1.77 10.86
C VAL A 439 30.78 2.54 10.10
N LEU A 440 29.96 3.30 10.83
CA LEU A 440 28.90 4.11 10.22
C LEU A 440 29.47 5.12 9.23
N ASN A 441 30.60 5.72 9.58
CA ASN A 441 31.26 6.68 8.70
C ASN A 441 31.84 6.06 7.41
N GLN A 442 31.93 4.73 7.36
CA GLN A 442 32.34 4.02 6.14
C GLN A 442 31.24 3.96 5.09
N VAL A 443 29.99 4.15 5.54
CA VAL A 443 28.83 4.17 4.63
C VAL A 443 28.89 5.40 3.73
N ASP A 444 28.63 5.19 2.44
CA ASP A 444 28.51 6.31 1.50
C ASP A 444 27.09 6.84 1.58
N TRP A 445 26.84 7.68 2.58
CA TRP A 445 25.49 8.19 2.85
C TRP A 445 24.91 8.97 1.67
N ASN A 446 25.71 9.81 1.04
CA ASN A 446 25.22 10.57 -0.11
CA ASN A 446 25.20 10.57 -0.09
C ASN A 446 24.71 9.67 -1.23
N ALA A 447 25.45 8.59 -1.51
CA ALA A 447 25.06 7.64 -2.55
C ALA A 447 23.79 6.90 -2.15
N TRP A 448 23.80 6.28 -0.97
CA TRP A 448 22.66 5.49 -0.51
C TRP A 448 21.36 6.29 -0.44
N LEU A 449 21.43 7.50 0.13
CA LEU A 449 20.21 8.28 0.37
C LEU A 449 19.75 9.12 -0.82
N TYR A 450 20.70 9.64 -1.59
CA TYR A 450 20.39 10.73 -2.53
C TYR A 450 20.74 10.50 -4.00
N SER A 451 21.48 9.41 -4.27
CA SER A 451 21.86 9.08 -5.64
C SER A 451 20.89 8.11 -6.31
N PRO A 452 20.65 8.29 -7.62
CA PRO A 452 19.84 7.31 -8.34
C PRO A 452 20.58 6.01 -8.60
N GLY A 453 19.83 5.00 -9.05
CA GLY A 453 20.41 3.72 -9.47
C GLY A 453 20.52 2.66 -8.40
N LEU A 454 21.18 1.55 -8.71
CA LEU A 454 21.44 0.55 -7.70
C LEU A 454 22.37 1.11 -6.62
N PRO A 455 22.21 0.64 -5.37
CA PRO A 455 23.06 1.05 -4.25
C PRO A 455 24.54 0.86 -4.57
N PRO A 456 25.42 1.63 -3.90
CA PRO A 456 26.86 1.52 -4.18
C PRO A 456 27.49 0.19 -3.74
N ILE A 457 26.81 -0.54 -2.86
CA ILE A 457 27.27 -1.87 -2.43
C ILE A 457 26.11 -2.81 -2.25
N LYS A 458 26.31 -4.05 -2.67
CA LYS A 458 25.32 -5.08 -2.51
C LYS A 458 25.65 -5.88 -1.25
N PRO A 459 24.63 -6.10 -0.38
CA PRO A 459 24.83 -6.93 0.81
C PRO A 459 25.21 -8.37 0.46
N ASN A 460 25.62 -9.11 1.50
CA ASN A 460 25.94 -10.53 1.35
C ASN A 460 24.67 -11.34 1.56
N TYR A 461 24.35 -12.22 0.62
CA TYR A 461 23.17 -13.08 0.73
C TYR A 461 23.57 -14.55 0.72
N ASP A 462 23.04 -15.31 1.68
CA ASP A 462 23.06 -16.77 1.60
C ASP A 462 22.28 -17.18 0.36
N MET A 463 22.85 -18.11 -0.40
CA MET A 463 22.33 -18.51 -1.70
C MET A 463 21.64 -19.87 -1.70
N THR A 464 21.60 -20.53 -0.54
CA THR A 464 21.16 -21.93 -0.47
C THR A 464 19.86 -22.23 -1.25
N LEU A 465 18.79 -21.50 -0.94
CA LEU A 465 17.49 -21.74 -1.56
C LEU A 465 17.38 -21.16 -2.98
N THR A 466 18.29 -20.25 -3.32
CA THR A 466 18.24 -19.59 -4.62
C THR A 466 18.94 -20.41 -5.69
N ASN A 467 19.95 -21.20 -5.27
CA ASN A 467 20.82 -21.89 -6.23
C ASN A 467 20.07 -22.73 -7.28
N ALA A 468 19.11 -23.54 -6.84
CA ALA A 468 18.33 -24.39 -7.75
C ALA A 468 17.54 -23.58 -8.77
N CYS A 469 17.08 -22.40 -8.34
CA CYS A 469 16.28 -21.51 -9.19
C CYS A 469 17.14 -20.96 -10.31
N ILE A 470 18.31 -20.48 -9.93
CA ILE A 470 19.27 -19.93 -10.90
C ILE A 470 19.73 -21.03 -11.86
N ALA A 471 20.01 -22.21 -11.33
CA ALA A 471 20.52 -23.31 -12.14
C ALA A 471 19.52 -23.71 -13.22
N LEU A 472 18.24 -23.80 -12.83
CA LEU A 472 17.22 -24.20 -13.80
C LEU A 472 16.97 -23.08 -14.81
N SER A 473 16.96 -21.84 -14.35
CA SER A 473 16.78 -20.71 -15.24
C SER A 473 17.89 -20.69 -16.29
N GLN A 474 19.12 -20.88 -15.84
CA GLN A 474 20.27 -20.93 -16.74
C GLN A 474 20.20 -22.08 -17.74
N ARG A 475 19.70 -23.24 -17.31
CA ARG A 475 19.54 -24.36 -18.24
C ARG A 475 18.62 -23.96 -19.37
N TRP A 476 17.53 -23.27 -19.04
CA TRP A 476 16.58 -22.85 -20.06
C TRP A 476 17.17 -21.79 -20.99
N ILE A 477 17.84 -20.80 -20.42
CA ILE A 477 18.37 -19.69 -21.21
C ILE A 477 19.44 -20.17 -22.19
N THR A 478 20.26 -21.12 -21.76
CA THR A 478 21.38 -21.62 -22.57
C THR A 478 20.97 -22.80 -23.44
N ALA A 479 19.75 -23.30 -23.25
CA ALA A 479 19.25 -24.43 -24.06
C ALA A 479 19.11 -24.04 -25.53
N LYS A 480 19.51 -24.94 -26.41
CA LYS A 480 19.19 -24.81 -27.83
C LYS A 480 18.06 -25.80 -28.14
N GLU A 481 17.54 -25.76 -29.36
CA GLU A 481 16.38 -26.59 -29.71
C GLU A 481 16.58 -28.06 -29.31
N ASP A 482 17.78 -28.59 -29.58
CA ASP A 482 18.02 -30.02 -29.29
C ASP A 482 18.14 -30.37 -27.80
N ASP A 483 18.12 -29.36 -26.94
CA ASP A 483 18.18 -29.56 -25.49
C ASP A 483 16.78 -29.56 -24.86
N LEU A 484 15.78 -29.13 -25.63
CA LEU A 484 14.44 -28.96 -25.07
C LEU A 484 13.86 -30.30 -24.60
N ASN A 485 14.21 -31.39 -25.29
CA ASN A 485 13.71 -32.70 -24.92
C ASN A 485 14.08 -33.10 -23.49
N SER A 486 15.21 -32.57 -23.02
CA SER A 486 15.77 -32.96 -21.73
C SER A 486 14.92 -32.47 -20.55
N PHE A 487 14.17 -31.40 -20.75
CA PHE A 487 13.34 -30.87 -19.67
C PHE A 487 12.14 -31.76 -19.42
N ASN A 488 11.71 -31.81 -18.16
CA ASN A 488 10.67 -32.73 -17.71
C ASN A 488 10.07 -32.22 -16.41
N ALA A 489 8.84 -32.61 -16.13
CA ALA A 489 8.15 -32.21 -14.89
C ALA A 489 8.95 -32.48 -13.62
N THR A 490 9.80 -33.51 -13.67
CA THR A 490 10.66 -33.86 -12.53
C THR A 490 11.63 -32.75 -12.15
N ASP A 491 11.92 -31.84 -13.09
CA ASP A 491 12.82 -30.71 -12.82
C ASP A 491 12.31 -29.88 -11.62
N LEU A 492 11.01 -29.93 -11.37
CA LEU A 492 10.35 -29.05 -10.38
C LEU A 492 10.06 -29.74 -9.06
N LYS A 493 10.42 -31.02 -8.99
CA LYS A 493 9.92 -31.87 -7.90
C LYS A 493 10.38 -31.40 -6.51
N ASP A 494 11.55 -30.78 -6.42
CA ASP A 494 12.09 -30.30 -5.15
C ASP A 494 12.00 -28.78 -4.98
N LEU A 495 11.17 -28.14 -5.79
CA LEU A 495 11.03 -26.68 -5.71
C LEU A 495 9.73 -26.29 -5.03
N SER A 496 9.81 -25.39 -4.06
CA SER A 496 8.62 -24.87 -3.41
C SER A 496 7.95 -23.87 -4.34
N SER A 497 6.73 -23.47 -4.01
CA SER A 497 6.07 -22.41 -4.78
C SER A 497 6.95 -21.16 -4.87
N HIS A 498 7.64 -20.83 -3.77
CA HIS A 498 8.51 -19.64 -3.71
C HIS A 498 9.66 -19.79 -4.69
N GLN A 499 10.18 -21.01 -4.79
CA GLN A 499 11.27 -21.28 -5.71
C GLN A 499 10.81 -21.31 -7.16
N LEU A 500 9.61 -21.83 -7.44
CA LEU A 500 9.05 -21.75 -8.79
C LEU A 500 8.93 -20.29 -9.22
N ASN A 501 8.44 -19.47 -8.30
CA ASN A 501 8.29 -18.03 -8.56
C ASN A 501 9.63 -17.38 -8.86
N GLU A 502 10.64 -17.73 -8.08
CA GLU A 502 11.97 -17.18 -8.29
C GLU A 502 12.61 -17.67 -9.60
N PHE A 503 12.41 -18.94 -9.94
CA PHE A 503 12.84 -19.46 -11.25
C PHE A 503 12.24 -18.61 -12.39
N LEU A 504 10.95 -18.31 -12.28
CA LEU A 504 10.30 -17.48 -13.29
C LEU A 504 10.83 -16.06 -13.26
N ALA A 505 11.06 -15.50 -12.07
CA ALA A 505 11.62 -14.15 -11.96
C ALA A 505 13.01 -14.06 -12.59
N GLN A 506 13.85 -15.06 -12.33
CA GLN A 506 15.20 -15.12 -12.94
C GLN A 506 15.09 -15.17 -14.46
N THR A 507 14.17 -15.98 -14.96
CA THR A 507 14.03 -16.18 -16.41
C THR A 507 13.44 -14.94 -17.09
N LEU A 508 12.48 -14.30 -16.43
CA LEU A 508 11.87 -13.08 -16.94
C LEU A 508 12.90 -11.95 -17.09
N GLN A 509 13.88 -11.92 -16.21
CA GLN A 509 14.97 -10.94 -16.31
C GLN A 509 15.76 -11.05 -17.62
N ARG A 510 15.66 -12.19 -18.30
CA ARG A 510 16.35 -12.41 -19.60
C ARG A 510 15.39 -12.48 -20.79
N ALA A 511 14.11 -12.18 -20.55
CA ALA A 511 13.10 -12.29 -21.60
C ALA A 511 13.31 -11.22 -22.67
N PRO A 512 12.95 -11.53 -23.93
CA PRO A 512 12.29 -12.77 -24.38
C PRO A 512 13.21 -13.98 -24.47
N LEU A 513 12.61 -15.15 -24.35
CA LEU A 513 13.23 -16.41 -24.72
C LEU A 513 12.60 -16.84 -26.04
N PRO A 514 13.24 -17.79 -26.74
CA PRO A 514 12.63 -18.25 -27.99
C PRO A 514 11.23 -18.81 -27.76
N LEU A 515 10.33 -18.56 -28.70
CA LEU A 515 8.96 -19.06 -28.60
C LEU A 515 8.86 -20.56 -28.36
N GLY A 516 9.68 -21.35 -29.07
CA GLY A 516 9.69 -22.79 -28.85
C GLY A 516 10.08 -23.20 -27.43
N HIS A 517 10.94 -22.42 -26.77
CA HIS A 517 11.30 -22.70 -25.38
C HIS A 517 10.10 -22.54 -24.46
N ILE A 518 9.38 -21.45 -24.65
CA ILE A 518 8.22 -21.15 -23.83
C ILE A 518 7.10 -22.18 -24.07
N LYS A 519 6.92 -22.59 -25.31
CA LYS A 519 5.96 -23.65 -25.62
C LYS A 519 6.35 -24.95 -24.92
N ARG A 520 7.64 -25.27 -24.92
CA ARG A 520 8.12 -26.47 -24.20
C ARG A 520 7.91 -26.37 -22.69
N MET A 521 8.11 -25.19 -22.13
CA MET A 521 7.91 -24.97 -20.69
C MET A 521 6.46 -25.30 -20.33
N GLN A 522 5.50 -24.86 -21.14
CA GLN A 522 4.11 -25.20 -20.87
C GLN A 522 3.90 -26.70 -21.02
N GLU A 523 4.51 -27.30 -22.05
CA GLU A 523 4.33 -28.74 -22.32
C GLU A 523 4.76 -29.57 -21.11
N VAL A 524 5.89 -29.22 -20.52
CA VAL A 524 6.47 -30.05 -19.45
C VAL A 524 6.15 -29.62 -18.01
N TYR A 525 5.91 -28.32 -17.80
CA TYR A 525 5.66 -27.82 -16.45
C TYR A 525 4.20 -27.42 -16.21
N ASN A 526 3.43 -27.24 -17.28
CA ASN A 526 1.99 -26.91 -17.19
C ASN A 526 1.77 -25.72 -16.26
N PHE A 527 2.51 -24.65 -16.51
CA PHE A 527 2.37 -23.46 -15.68
C PHE A 527 0.99 -22.79 -15.85
N ASN A 528 0.35 -23.04 -16.99
CA ASN A 528 -1.01 -22.52 -17.21
C ASN A 528 -1.98 -22.96 -16.13
N ALA A 529 -1.68 -24.10 -15.50
CA ALA A 529 -2.57 -24.66 -14.46
C ALA A 529 -2.42 -24.03 -13.08
N ILE A 530 -1.39 -23.19 -12.89
CA ILE A 530 -1.08 -22.66 -11.56
C ILE A 530 -1.91 -21.41 -11.32
N ASN A 531 -2.62 -21.40 -10.19
CA ASN A 531 -3.50 -20.27 -9.89
C ASN A 531 -2.87 -19.25 -8.94
N ASN A 532 -1.76 -19.62 -8.31
CA ASN A 532 -0.98 -18.68 -7.50
C ASN A 532 -0.75 -17.41 -8.30
N SER A 533 -1.27 -16.28 -7.81
CA SER A 533 -1.23 -15.04 -8.60
C SER A 533 0.19 -14.57 -8.94
N GLU A 534 1.14 -14.72 -8.03
CA GLU A 534 2.52 -14.26 -8.27
C GLU A 534 3.16 -15.07 -9.40
N ILE A 535 3.03 -16.39 -9.30
CA ILE A 535 3.56 -17.26 -10.34
C ILE A 535 2.86 -17.02 -11.68
N ARG A 536 1.52 -16.96 -11.67
CA ARG A 536 0.82 -16.78 -12.94
C ARG A 536 1.18 -15.46 -13.62
N PHE A 537 1.27 -14.40 -12.83
CA PHE A 537 1.72 -13.08 -13.32
C PHE A 537 3.04 -13.18 -14.07
N ARG A 538 4.05 -13.76 -13.42
CA ARG A 538 5.37 -13.83 -14.04
C ARG A 538 5.40 -14.74 -15.26
N TRP A 539 4.68 -15.86 -15.17
CA TRP A 539 4.58 -16.76 -16.30
C TRP A 539 3.93 -16.10 -17.51
N LEU A 540 2.81 -15.40 -17.30
CA LEU A 540 2.14 -14.74 -18.41
C LEU A 540 2.98 -13.59 -18.98
N ARG A 541 3.69 -12.87 -18.13
CA ARG A 541 4.63 -11.86 -18.63
C ARG A 541 5.70 -12.51 -19.52
N LEU A 542 6.24 -13.64 -19.08
CA LEU A 542 7.26 -14.35 -19.86
C LEU A 542 6.69 -14.78 -21.23
N CYS A 543 5.46 -15.28 -21.22
CA CYS A 543 4.80 -15.75 -22.44
C CYS A 543 4.54 -14.60 -23.42
N ILE A 544 4.03 -13.48 -22.91
CA ILE A 544 3.72 -12.33 -23.76
C ILE A 544 4.98 -11.68 -24.31
N GLN A 545 5.98 -11.50 -23.46
CA GLN A 545 7.26 -10.92 -23.90
C GLN A 545 7.96 -11.81 -24.92
N SER A 546 7.73 -13.12 -24.83
CA SER A 546 8.29 -14.10 -25.78
C SER A 546 7.37 -14.34 -26.98
N LYS A 547 6.31 -13.55 -27.08
CA LYS A 547 5.50 -13.45 -28.31
C LYS A 547 4.59 -14.65 -28.57
N TRP A 548 4.11 -15.26 -27.49
CA TRP A 548 3.19 -16.40 -27.61
C TRP A 548 1.75 -15.94 -27.68
N GLU A 549 1.15 -16.01 -28.87
CA GLU A 549 -0.21 -15.49 -29.07
C GLU A 549 -1.27 -16.20 -28.21
N ASP A 550 -1.02 -17.48 -27.91
CA ASP A 550 -1.92 -18.27 -27.07
C ASP A 550 -2.11 -17.64 -25.70
N ALA A 551 -1.09 -16.91 -25.23
CA ALA A 551 -1.14 -16.32 -23.89
C ALA A 551 -1.92 -15.00 -23.86
N ILE A 552 -2.27 -14.46 -25.02
CA ILE A 552 -2.95 -13.16 -25.08
C ILE A 552 -4.28 -13.16 -24.30
N PRO A 553 -5.19 -14.12 -24.58
CA PRO A 553 -6.43 -14.10 -23.82
C PRO A 553 -6.22 -14.37 -22.32
N LEU A 554 -5.21 -15.16 -21.98
CA LEU A 554 -4.91 -15.43 -20.57
C LEU A 554 -4.47 -14.17 -19.85
N ALA A 555 -3.61 -13.39 -20.50
CA ALA A 555 -3.08 -12.19 -19.89
C ALA A 555 -4.12 -11.07 -19.81
N LEU A 556 -4.96 -10.96 -20.84
CA LEU A 556 -6.07 -9.99 -20.80
C LEU A 556 -7.05 -10.31 -19.68
N LYS A 557 -7.34 -11.59 -19.50
CA LYS A 557 -8.25 -12.05 -18.45
C LYS A 557 -7.69 -11.73 -17.07
N MET A 558 -6.43 -12.09 -16.83
CA MET A 558 -5.82 -11.75 -15.53
C MET A 558 -5.75 -10.24 -15.30
N ALA A 559 -5.46 -9.47 -16.35
CA ALA A 559 -5.33 -7.99 -16.20
C ALA A 559 -6.62 -7.32 -15.78
N THR A 560 -7.75 -7.93 -16.16
CA THR A 560 -9.06 -7.30 -15.94
C THR A 560 -9.89 -7.97 -14.84
N GLU A 561 -9.69 -9.26 -14.60
CA GLU A 561 -10.48 -9.96 -13.57
C GLU A 561 -10.06 -9.64 -12.15
N GLN A 562 -8.88 -9.04 -12.02
CA GLN A 562 -8.42 -8.42 -10.78
C GLN A 562 -7.75 -7.11 -11.14
N GLY A 563 -7.48 -6.28 -10.14
CA GLY A 563 -6.99 -4.93 -10.36
C GLY A 563 -5.82 -4.52 -9.51
N ARG A 564 -5.12 -5.50 -8.92
CA ARG A 564 -3.93 -5.18 -8.13
C ARG A 564 -2.89 -4.61 -9.08
N MET A 565 -2.42 -3.38 -8.83
CA MET A 565 -1.62 -2.70 -9.86
C MET A 565 -0.30 -3.38 -10.18
N LYS A 566 0.27 -4.05 -9.18
CA LYS A 566 1.46 -4.88 -9.36
C LYS A 566 1.34 -5.82 -10.55
N PHE A 567 0.12 -6.32 -10.78
CA PHE A 567 -0.15 -7.29 -11.85
C PHE A 567 -0.79 -6.61 -13.05
N THR A 568 -1.80 -5.78 -12.81
CA THR A 568 -2.58 -5.19 -13.89
C THR A 568 -1.75 -4.24 -14.77
N ARG A 569 -0.93 -3.40 -14.15
CA ARG A 569 -0.13 -2.45 -14.94
C ARG A 569 0.88 -3.15 -15.87
N PRO A 570 1.72 -4.06 -15.33
CA PRO A 570 2.68 -4.66 -16.25
C PRO A 570 2.04 -5.60 -17.29
N LEU A 571 0.94 -6.26 -16.94
CA LEU A 571 0.26 -7.09 -17.94
C LEU A 571 -0.26 -6.24 -19.10
N PHE A 572 -0.97 -5.16 -18.79
CA PHE A 572 -1.40 -4.22 -19.85
C PHE A 572 -0.21 -3.65 -20.65
N LYS A 573 0.88 -3.29 -19.97
CA LYS A 573 2.04 -2.72 -20.66
C LYS A 573 2.68 -3.74 -21.61
N ASP A 574 2.80 -4.98 -21.13
CA ASP A 574 3.35 -6.06 -21.94
C ASP A 574 2.44 -6.35 -23.15
N LEU A 575 1.13 -6.39 -22.91
CA LEU A 575 0.16 -6.62 -24.00
C LEU A 575 0.20 -5.48 -25.01
N ALA A 576 0.41 -4.26 -24.54
CA ALA A 576 0.51 -3.12 -25.46
C ALA A 576 1.80 -3.19 -26.29
N ALA A 577 2.86 -3.74 -25.71
CA ALA A 577 4.16 -3.82 -26.37
C ALA A 577 4.23 -4.93 -27.43
N PHE A 578 3.34 -5.90 -27.32
CA PHE A 578 3.25 -7.03 -28.25
C PHE A 578 2.35 -6.61 -29.41
N ASP A 579 2.91 -6.50 -30.62
CA ASP A 579 2.15 -6.04 -31.78
C ASP A 579 0.82 -6.78 -31.95
N LYS A 580 0.83 -8.10 -31.72
CA LYS A 580 -0.34 -8.95 -31.96
C LYS A 580 -1.49 -8.66 -31.02
N SER A 581 -1.17 -8.20 -29.80
CA SER A 581 -2.20 -7.89 -28.82
C SER A 581 -2.41 -6.39 -28.57
N HIS A 582 -1.59 -5.54 -29.18
CA HIS A 582 -1.65 -4.11 -28.90
C HIS A 582 -3.06 -3.52 -29.02
N ASP A 583 -3.73 -3.75 -30.15
CA ASP A 583 -5.04 -3.14 -30.37
C ASP A 583 -6.08 -3.64 -29.37
N GLN A 584 -6.06 -4.95 -29.08
CA GLN A 584 -6.95 -5.51 -28.06
C GLN A 584 -6.69 -4.95 -26.68
N ALA A 585 -5.42 -4.72 -26.33
CA ALA A 585 -5.08 -4.19 -25.01
C ALA A 585 -5.71 -2.82 -24.82
N VAL A 586 -5.56 -1.98 -25.85
CA VAL A 586 -6.12 -0.64 -25.81
C VAL A 586 -7.64 -0.69 -25.76
N ARG A 587 -8.26 -1.52 -26.62
CA ARG A 587 -9.72 -1.65 -26.62
C ARG A 587 -10.26 -2.16 -25.28
N THR A 588 -9.52 -3.08 -24.67
CA THR A 588 -9.92 -3.69 -23.41
C THR A 588 -9.86 -2.64 -22.30
N TYR A 589 -8.81 -1.83 -22.32
CA TYR A 589 -8.69 -0.74 -21.36
C TYR A 589 -9.84 0.26 -21.55
N GLN A 590 -10.09 0.66 -22.80
CA GLN A 590 -11.17 1.60 -23.11
C GLN A 590 -12.53 1.14 -22.58
N GLU A 591 -12.79 -0.15 -22.74
CA GLU A 591 -14.07 -0.76 -22.35
C GLU A 591 -14.24 -0.87 -20.84
N HIS A 592 -13.14 -1.09 -20.14
CA HIS A 592 -13.16 -1.27 -18.70
C HIS A 592 -12.91 0.00 -17.89
N LYS A 593 -12.35 1.02 -18.54
CA LYS A 593 -11.91 2.24 -17.86
C LYS A 593 -12.95 2.83 -16.89
N ALA A 594 -14.21 2.92 -17.32
CA ALA A 594 -15.27 3.53 -16.50
C ALA A 594 -15.55 2.79 -15.19
N SER A 595 -15.29 1.48 -15.17
CA SER A 595 -15.56 0.66 -13.98
C SER A 595 -14.29 0.22 -13.23
N MET A 596 -13.16 0.85 -13.57
CA MET A 596 -11.90 0.57 -12.88
C MET A 596 -11.79 1.51 -11.68
N HIS A 597 -10.95 1.13 -10.72
CA HIS A 597 -10.54 2.04 -9.67
C HIS A 597 -9.96 3.32 -10.31
N PRO A 598 -10.28 4.51 -9.76
CA PRO A 598 -9.86 5.73 -10.44
C PRO A 598 -8.34 5.91 -10.61
N VAL A 599 -7.56 5.48 -9.61
CA VAL A 599 -6.10 5.63 -9.68
C VAL A 599 -5.55 4.61 -10.69
N THR A 600 -6.10 3.39 -10.64
CA THR A 600 -5.67 2.37 -11.57
C THR A 600 -5.98 2.78 -13.00
N ALA A 601 -7.17 3.35 -13.21
CA ALA A 601 -7.56 3.77 -14.55
C ALA A 601 -6.62 4.87 -15.03
N MET A 602 -6.29 5.81 -14.13
CA MET A 602 -5.35 6.87 -14.51
C MET A 602 -3.98 6.32 -14.95
N LEU A 603 -3.41 5.40 -14.14
CA LEU A 603 -2.06 4.91 -14.36
C LEU A 603 -1.96 3.97 -15.56
N VAL A 604 -2.94 3.08 -15.72
CA VAL A 604 -2.97 2.24 -16.93
C VAL A 604 -3.12 3.10 -18.18
N GLY A 605 -3.95 4.12 -18.11
CA GLY A 605 -4.08 5.05 -19.23
C GLY A 605 -2.77 5.73 -19.59
N LYS A 606 -2.04 6.19 -18.57
CA LYS A 606 -0.72 6.77 -18.75
C LYS A 606 0.28 5.76 -19.35
N ASP A 607 0.26 4.53 -18.86
CA ASP A 607 1.16 3.48 -19.35
C ASP A 607 0.92 3.20 -20.83
N LEU A 608 -0.35 3.21 -21.23
CA LEU A 608 -0.78 2.84 -22.58
C LEU A 608 -0.77 4.04 -23.53
N LYS A 609 -0.53 5.23 -22.99
CA LYS A 609 -0.60 6.50 -23.74
C LYS A 609 -2.00 6.71 -24.34
N VAL A 610 -3.02 6.34 -23.58
CA VAL A 610 -4.40 6.50 -23.99
C VAL A 610 -5.10 7.54 -23.11
ZN ZN B . 4.20 -1.13 3.22
YB YB C . 23.12 -29.04 -29.13
YB YB D . -18.33 1.77 23.54
C ACT E . 23.11 -26.80 -30.78
O ACT E . 22.19 -27.62 -30.78
OXT ACT E . 24.06 -26.97 -29.98
CH3 ACT E . 23.05 -25.62 -31.74
N1 IMD F . 13.07 -10.72 -8.97
C2 IMD F . 13.46 -11.69 -8.13
N3 IMD F . 14.54 -12.27 -8.63
C4 IMD F . 14.83 -11.68 -9.80
C5 IMD F . 13.92 -10.72 -10.01
N1 IMD G . 5.43 -16.56 -3.69
C2 IMD G . 5.22 -17.56 -2.84
N3 IMD G . 4.72 -18.61 -3.50
C4 IMD G . 4.64 -18.26 -4.78
C5 IMD G . 5.06 -16.99 -4.90
CAB 24P H . 6.21 6.99 -3.97
CAA 24P H . 7.53 6.58 -4.14
CAF 24P H . 8.53 7.04 -3.29
CAE 24P H . 8.21 7.93 -2.28
CAD 24P H . 6.89 8.35 -2.10
CAC 24P H . 5.87 7.89 -2.95
CAG 24P H . 4.43 8.38 -2.75
CAH 24P H . 3.43 7.28 -2.37
CAM 24P H . 2.40 6.92 -3.25
CAL 24P H . 1.47 5.94 -2.89
CAI 24P H . 3.52 6.67 -1.12
CAJ 24P H . 2.59 5.69 -0.76
CAK 24P H . 1.57 5.31 -1.63
OAN 24P H . 0.70 4.33 -1.21
CAO 24P H . -0.13 3.66 -2.21
CAP 24P H . -0.39 2.22 -1.74
CAQ 24P H . 0.88 1.39 -1.49
CAR 24P H . 0.32 0.22 -0.67
CAS 24P H . -0.96 0.77 -0.04
NAT 24P H . -1.04 2.19 -0.42
C1 GOL I . -22.05 1.80 -7.08
O1 GOL I . -21.65 1.54 -5.75
C2 GOL I . -23.38 2.56 -7.11
O2 GOL I . -23.63 2.96 -8.45
C3 GOL I . -24.52 1.65 -6.67
O3 GOL I . -24.60 0.54 -7.53
#